data_8TZI
#
_entry.id   8TZI
#
_cell.length_a   72.413
_cell.length_b   72.413
_cell.length_c   173.920
_cell.angle_alpha   90.00
_cell.angle_beta   90.00
_cell.angle_gamma   120.00
#
_symmetry.space_group_name_H-M   'P 32 2 1'
#
loop_
_entity.id
_entity.type
_entity.pdbx_description
1 polymer 'Equilibrative nucleoside transporter 1'
2 non-polymer '(2R)-2,3-dihydroxypropyl (9Z)-octadec-9-enoate'
3 non-polymer '3-[4-[3-[3,4-dimethoxy-5-[[4-[oxidanyl(oxidanylidene)-$l^{4}-azanyl]phenyl]methoxy]phenyl]carbonyloxypropyl]-1,4-diazepan-1-yl]propyl 3,4,5-trimethoxybenzoate'
4 water water
#
_entity_poly.entity_id   1
_entity_poly.type   'polypeptide(L)'
_entity_poly.pdbx_seq_one_letter_code
;MATTSHQPQDRYKAVWLIFFMLGLGTLLPWNFFMTATQYFTNRLDMSQNVSLVTAELSKDAQASAAPAAPLPERNSLSAI
FNNVMTLCAMLPLLLFTYLNSFLHQRIPQSVRILGSLVAILLVFLITAILVKVQLDALPFFVITMIKIVLINSFGAILQG
SLFGLAGLFPASYTAAIMSGQGLAGFFASVAMICAIASGSELSESAFGYFITACAVIILTIICYLGLPRLEFYRYYQQLK
LEGPTNESHSIKAILKKISVLAFSVCFIFTITIGMFPAVTVEVKSSIAGSSTWERYFIPVSCFLTFNIFDWLGRSLTAVF
MWPGKDSRWLPSLVLARLVFVPLLLLCNIKPRRYLTVVFEHDAWFIFFMAAFAFSNGYLASLCMCFGPKKVKPAEAETAG
AIMAFFLCLGLALGAVFSFLFRAIVGTELLQVDTNSLEVLFQ
;
_entity_poly.pdbx_strand_id   A
#
loop_
_chem_comp.id
_chem_comp.type
_chem_comp.name
_chem_comp.formula
OLC non-polymer '(2R)-2,3-dihydroxypropyl (9Z)-octadec-9-enoate' 'C21 H40 O4'
U00 non-polymer '3-[4-[3-[3,4-dimethoxy-5-[[4-[oxidanyl(oxidanylidene)-$l^{4}-azanyl]phenyl]methoxy]phenyl]carbonyloxypropyl]-1,4-diazepan-1-yl]propyl 3,4,5-trimethoxybenzoate' 'C37 H48 N3 O12'
#
# COMPACT_ATOMS: atom_id res chain seq x y z
N PRO A 8 13.51 -9.43 -27.21
CA PRO A 8 12.22 -9.15 -26.57
C PRO A 8 11.50 -10.41 -26.10
N GLN A 9 12.24 -11.34 -25.50
CA GLN A 9 11.68 -12.60 -25.00
C GLN A 9 12.17 -12.82 -23.58
N ASP A 10 11.28 -12.63 -22.60
CA ASP A 10 11.59 -12.81 -21.19
C ASP A 10 11.63 -14.31 -20.89
N ARG A 11 12.83 -14.88 -20.96
CA ARG A 11 12.99 -16.32 -20.78
C ARG A 11 12.66 -16.71 -19.34
N TYR A 12 11.78 -17.70 -19.19
CA TYR A 12 11.33 -18.18 -17.89
C TYR A 12 10.59 -17.10 -17.10
N LYS A 13 10.18 -16.03 -17.80
CA LYS A 13 9.52 -14.89 -17.16
C LYS A 13 10.32 -14.40 -15.96
N ALA A 14 11.65 -14.44 -16.08
CA ALA A 14 12.52 -14.12 -14.95
C ALA A 14 12.38 -12.66 -14.54
N VAL A 15 12.44 -11.75 -15.52
CA VAL A 15 12.32 -10.32 -15.20
C VAL A 15 10.94 -10.04 -14.61
N TRP A 16 9.89 -10.62 -15.19
CA TRP A 16 8.56 -10.42 -14.65
C TRP A 16 8.48 -10.88 -13.19
N LEU A 17 9.06 -12.05 -12.89
CA LEU A 17 9.02 -12.57 -11.54
C LEU A 17 9.79 -11.66 -10.59
N ILE A 18 10.91 -11.09 -11.06
CA ILE A 18 11.70 -10.19 -10.22
C ILE A 18 10.92 -8.92 -9.95
N PHE A 19 10.20 -8.42 -10.95
CA PHE A 19 9.36 -7.24 -10.73
C PHE A 19 8.23 -7.55 -9.74
N PHE A 20 7.67 -8.76 -9.83
CA PHE A 20 6.69 -9.20 -8.86
C PHE A 20 7.28 -9.20 -7.45
N MET A 21 8.49 -9.74 -7.31
CA MET A 21 9.13 -9.77 -6.00
C MET A 21 9.45 -8.36 -5.52
N LEU A 22 9.84 -7.47 -6.43
CA LEU A 22 10.07 -6.08 -6.04
C LEU A 22 8.81 -5.47 -5.45
N GLY A 23 7.67 -5.67 -6.12
CA GLY A 23 6.41 -5.19 -5.58
C GLY A 23 6.14 -5.74 -4.20
N LEU A 24 6.27 -7.06 -4.05
CA LEU A 24 6.10 -7.67 -2.74
C LEU A 24 7.04 -7.02 -1.72
N GLY A 25 8.31 -6.86 -2.08
CA GLY A 25 9.28 -6.31 -1.16
C GLY A 25 9.03 -4.86 -0.79
N THR A 26 8.33 -4.12 -1.66
CA THR A 26 8.09 -2.71 -1.34
C THR A 26 7.07 -2.55 -0.21
N LEU A 27 6.02 -3.38 -0.21
CA LEU A 27 4.90 -3.15 0.70
C LEU A 27 4.81 -4.16 1.82
N LEU A 28 5.31 -5.37 1.66
CA LEU A 28 5.16 -6.36 2.73
C LEU A 28 5.70 -5.85 4.06
N PRO A 29 6.89 -5.23 4.13
CA PRO A 29 7.37 -4.74 5.43
C PRO A 29 6.44 -3.70 6.03
N TRP A 30 6.16 -2.63 5.29
CA TRP A 30 5.25 -1.60 5.76
C TRP A 30 3.92 -2.21 6.17
N ASN A 31 3.35 -3.05 5.30
CA ASN A 31 2.09 -3.70 5.63
C ASN A 31 2.20 -4.43 6.96
N PHE A 32 3.28 -5.19 7.16
CA PHE A 32 3.48 -5.87 8.44
C PHE A 32 3.56 -4.86 9.58
N PHE A 33 4.29 -3.76 9.39
CA PHE A 33 4.32 -2.70 10.38
C PHE A 33 2.91 -2.27 10.77
N MET A 34 2.07 -1.97 9.77
CA MET A 34 0.72 -1.52 10.06
C MET A 34 -0.05 -2.55 10.88
N THR A 35 0.08 -3.84 10.51
CA THR A 35 -0.66 -4.89 11.21
C THR A 35 -0.21 -5.04 12.66
N ALA A 36 0.94 -4.49 13.03
CA ALA A 36 1.42 -4.54 14.40
C ALA A 36 0.95 -3.37 15.25
N THR A 37 0.02 -2.57 14.75
CA THR A 37 -0.47 -1.43 15.53
C THR A 37 -0.93 -1.86 16.91
N GLN A 38 -1.57 -3.02 17.01
CA GLN A 38 -2.03 -3.50 18.32
C GLN A 38 -0.87 -3.66 19.27
N TYR A 39 0.29 -4.08 18.75
CA TYR A 39 1.48 -4.21 19.58
C TYR A 39 1.99 -2.85 20.04
N PHE A 40 2.00 -1.86 19.14
CA PHE A 40 2.49 -0.54 19.50
C PHE A 40 1.59 0.13 20.54
N THR A 41 0.28 0.07 20.33
CA THR A 41 -0.64 0.72 21.27
C THR A 41 -0.69 -0.04 22.59
N ASN A 42 -0.75 -1.37 22.53
CA ASN A 42 -0.77 -2.16 23.77
C ASN A 42 0.52 -1.94 24.56
N ARG A 43 1.67 -1.91 23.87
CA ARG A 43 2.91 -1.62 24.56
C ARG A 43 2.86 -0.27 25.25
N LEU A 44 2.30 0.74 24.58
CA LEU A 44 2.19 2.06 25.19
C LEU A 44 1.29 2.01 26.43
N ASP A 45 0.21 1.22 26.37
CA ASP A 45 -0.69 1.13 27.51
C ASP A 45 0.00 0.52 28.71
N MET A 46 0.69 -0.60 28.51
CA MET A 46 1.37 -1.28 29.61
C MET A 46 2.59 -0.52 30.12
N SER A 47 2.92 0.63 29.53
CA SER A 47 4.10 1.40 29.90
C SER A 47 3.76 2.73 30.55
N GLN A 48 2.84 3.50 29.96
CA GLN A 48 2.39 4.74 30.59
C GLN A 48 1.77 4.45 31.95
N ASN A 49 2.19 5.20 32.96
CA ASN A 49 1.68 5.03 34.31
C ASN A 49 0.85 6.25 34.72
N ASN A 75 -5.75 11.73 25.04
CA ASN A 75 -4.56 12.45 25.49
C ASN A 75 -3.37 11.50 25.66
N SER A 76 -3.67 10.21 25.85
CA SER A 76 -2.62 9.22 26.04
C SER A 76 -1.89 8.95 24.72
N LEU A 77 -0.73 8.29 24.84
CA LEU A 77 0.07 8.03 23.65
C LEU A 77 -0.58 6.99 22.75
N SER A 78 -1.20 5.96 23.33
CA SER A 78 -1.89 4.96 22.52
C SER A 78 -3.10 5.55 21.82
N ALA A 79 -3.79 6.50 22.46
CA ALA A 79 -4.96 7.14 21.85
C ALA A 79 -4.60 8.02 20.67
N ILE A 80 -3.32 8.36 20.49
CA ILE A 80 -2.88 9.20 19.39
C ILE A 80 -1.92 8.48 18.45
N PHE A 81 -1.52 7.25 18.77
CA PHE A 81 -0.53 6.55 17.94
C PHE A 81 -1.01 6.49 16.49
N ASN A 82 -2.24 6.05 16.27
CA ASN A 82 -2.74 5.89 14.90
C ASN A 82 -2.64 7.19 14.12
N ASN A 83 -3.17 8.28 14.67
CA ASN A 83 -3.19 9.54 13.94
C ASN A 83 -1.79 10.06 13.69
N VAL A 84 -0.91 9.99 14.70
CA VAL A 84 0.45 10.50 14.52
C VAL A 84 1.22 9.64 13.52
N MET A 85 0.98 8.32 13.54
CA MET A 85 1.58 7.46 12.53
C MET A 85 1.11 7.83 11.13
N THR A 86 -0.20 8.08 10.98
CA THR A 86 -0.72 8.51 9.68
C THR A 86 0.01 9.75 9.18
N LEU A 87 0.29 10.69 10.08
CA LEU A 87 0.99 11.91 9.69
C LEU A 87 2.46 11.62 9.41
N CYS A 88 3.13 10.91 10.30
CA CYS A 88 4.53 10.55 10.09
C CYS A 88 4.73 9.71 8.85
N ALA A 89 3.68 9.07 8.33
CA ALA A 89 3.79 8.22 7.16
C ALA A 89 3.44 8.99 5.89
N MET A 90 2.30 9.67 5.89
CA MET A 90 1.79 10.27 4.66
C MET A 90 2.57 11.52 4.26
N LEU A 91 3.03 12.32 5.23
CA LEU A 91 3.79 13.51 4.85
C LEU A 91 5.14 13.15 4.23
N PRO A 92 5.97 12.30 4.84
CA PRO A 92 7.22 11.93 4.15
C PRO A 92 6.99 11.22 2.84
N LEU A 93 6.02 10.29 2.80
CA LEU A 93 5.74 9.58 1.56
C LEU A 93 5.42 10.55 0.43
N LEU A 94 4.59 11.56 0.70
CA LEU A 94 4.16 12.46 -0.34
C LEU A 94 5.28 13.42 -0.75
N LEU A 95 6.07 13.89 0.22
CA LEU A 95 7.15 14.81 -0.08
C LEU A 95 8.21 14.16 -0.95
N PHE A 96 8.59 12.92 -0.64
CA PHE A 96 9.71 12.29 -1.33
C PHE A 96 9.33 11.64 -2.65
N THR A 97 8.06 11.26 -2.83
CA THR A 97 7.62 10.89 -4.18
C THR A 97 7.57 12.12 -5.07
N TYR A 98 7.21 13.28 -4.50
CA TYR A 98 7.26 14.53 -5.24
C TYR A 98 8.68 14.87 -5.64
N LEU A 99 9.59 14.95 -4.66
CA LEU A 99 10.99 15.24 -4.96
C LEU A 99 11.56 14.24 -5.95
N ASN A 100 11.29 12.95 -5.76
CA ASN A 100 11.79 11.93 -6.67
C ASN A 100 11.26 12.17 -8.08
N SER A 101 10.02 12.63 -8.20
CA SER A 101 9.42 12.82 -9.52
C SER A 101 10.21 13.82 -10.36
N PHE A 102 10.89 14.78 -9.72
CA PHE A 102 11.68 15.76 -10.45
C PHE A 102 13.17 15.73 -10.09
N LEU A 103 13.63 14.71 -9.37
CA LEU A 103 15.05 14.58 -9.07
C LEU A 103 15.60 13.18 -9.32
N HIS A 104 14.78 12.23 -9.78
CA HIS A 104 15.25 10.87 -9.97
C HIS A 104 16.39 10.81 -10.98
N GLN A 105 16.35 11.65 -12.01
CA GLN A 105 17.37 11.62 -13.05
C GLN A 105 18.76 11.91 -12.51
N ARG A 106 18.87 12.52 -11.33
CA ARG A 106 20.16 12.92 -10.79
C ARG A 106 20.85 11.82 -9.99
N ILE A 107 20.15 10.75 -9.63
CA ILE A 107 20.71 9.66 -8.85
C ILE A 107 20.50 8.36 -9.61
N PRO A 108 21.52 7.51 -9.76
CA PRO A 108 21.31 6.24 -10.48
C PRO A 108 20.20 5.43 -9.84
N GLN A 109 19.47 4.68 -10.68
CA GLN A 109 18.36 3.89 -10.17
C GLN A 109 18.84 2.82 -9.20
N SER A 110 19.99 2.20 -9.49
CA SER A 110 20.51 1.17 -8.59
C SER A 110 20.77 1.73 -7.20
N VAL A 111 21.26 2.96 -7.13
CA VAL A 111 21.47 3.62 -5.83
C VAL A 111 20.13 3.87 -5.15
N ARG A 112 19.18 4.49 -5.87
CA ARG A 112 17.89 4.79 -5.28
C ARG A 112 17.20 3.53 -4.77
N ILE A 113 17.22 2.46 -5.56
CA ILE A 113 16.51 1.24 -5.17
C ILE A 113 17.26 0.50 -4.06
N LEU A 114 18.55 0.20 -4.28
CA LEU A 114 19.27 -0.62 -3.32
C LEU A 114 19.58 0.13 -2.03
N GLY A 115 19.79 1.44 -2.11
CA GLY A 115 19.98 2.21 -0.89
C GLY A 115 18.71 2.31 -0.07
N SER A 116 17.57 2.52 -0.74
CA SER A 116 16.31 2.53 -0.02
C SER A 116 16.04 1.19 0.64
N LEU A 117 16.35 0.09 -0.04
CA LEU A 117 16.11 -1.23 0.52
C LEU A 117 17.01 -1.49 1.73
N VAL A 118 18.28 -1.10 1.64
CA VAL A 118 19.20 -1.32 2.76
C VAL A 118 18.81 -0.46 3.95
N ALA A 119 18.38 0.78 3.69
CA ALA A 119 17.92 1.64 4.77
C ALA A 119 16.70 1.06 5.48
N ILE A 120 15.70 0.62 4.69
CA ILE A 120 14.51 0.04 5.28
C ILE A 120 14.83 -1.23 6.04
N LEU A 121 15.73 -2.06 5.49
CA LEU A 121 16.16 -3.26 6.19
C LEU A 121 16.75 -2.91 7.55
N LEU A 122 17.62 -1.91 7.58
CA LEU A 122 18.22 -1.50 8.85
C LEU A 122 17.16 -1.03 9.83
N VAL A 123 16.18 -0.26 9.34
CA VAL A 123 15.14 0.28 10.22
C VAL A 123 14.30 -0.85 10.80
N PHE A 124 13.87 -1.79 9.97
CA PHE A 124 13.04 -2.89 10.47
C PHE A 124 13.82 -3.79 11.41
N LEU A 125 15.12 -3.96 11.17
CA LEU A 125 15.96 -4.68 12.12
C LEU A 125 15.90 -4.03 13.49
N ILE A 126 16.08 -2.70 13.53
CA ILE A 126 15.99 -1.98 14.80
C ILE A 126 14.61 -2.13 15.41
N THR A 127 13.56 -2.02 14.58
CA THR A 127 12.20 -2.23 15.08
C THR A 127 12.08 -3.58 15.78
N ALA A 128 12.72 -4.62 15.21
CA ALA A 128 12.67 -5.93 15.84
C ALA A 128 13.46 -5.95 17.15
N ILE A 129 14.59 -5.25 17.20
CA ILE A 129 15.39 -5.23 18.43
C ILE A 129 14.61 -4.57 19.56
N LEU A 130 14.00 -3.41 19.28
CA LEU A 130 13.26 -2.70 20.31
C LEU A 130 12.16 -3.55 20.94
N VAL A 131 11.68 -4.57 20.23
CA VAL A 131 10.66 -5.43 20.83
C VAL A 131 11.20 -6.11 22.08
N LYS A 132 12.51 -6.36 22.12
CA LYS A 132 13.12 -7.15 23.16
C LYS A 132 13.81 -6.32 24.25
N VAL A 133 13.90 -4.99 24.08
CA VAL A 133 14.54 -4.14 25.07
C VAL A 133 13.47 -3.37 25.82
N GLN A 134 13.78 -3.00 27.07
CA GLN A 134 12.87 -2.24 27.92
C GLN A 134 13.08 -0.75 27.66
N LEU A 135 11.97 -0.05 27.38
CA LEU A 135 12.01 1.37 27.07
C LEU A 135 10.72 2.01 27.56
N ASP A 136 10.83 3.24 28.04
CA ASP A 136 9.65 3.94 28.54
C ASP A 136 8.74 4.35 27.38
N ALA A 137 7.51 4.72 27.73
CA ALA A 137 6.47 4.92 26.72
C ALA A 137 6.85 6.02 25.75
N LEU A 138 7.19 7.20 26.26
CA LEU A 138 7.43 8.33 25.37
C LEU A 138 8.64 8.11 24.46
N PRO A 139 9.79 7.65 24.96
CA PRO A 139 10.89 7.33 24.02
C PRO A 139 10.52 6.28 22.99
N PHE A 140 9.77 5.24 23.39
CA PHE A 140 9.33 4.24 22.43
C PHE A 140 8.46 4.89 21.35
N PHE A 141 7.47 5.69 21.78
CA PHE A 141 6.63 6.44 20.85
C PHE A 141 7.50 7.23 19.87
N VAL A 142 8.37 8.09 20.40
CA VAL A 142 9.14 8.98 19.54
C VAL A 142 10.01 8.19 18.57
N ILE A 143 10.71 7.17 19.08
CA ILE A 143 11.60 6.42 18.21
C ILE A 143 10.81 5.67 17.15
N THR A 144 9.65 5.12 17.51
CA THR A 144 8.83 4.44 16.51
C THR A 144 8.38 5.40 15.43
N MET A 145 8.03 6.64 15.81
CA MET A 145 7.59 7.62 14.82
C MET A 145 8.73 8.06 13.91
N ILE A 146 9.94 8.17 14.46
CA ILE A 146 11.11 8.45 13.64
C ILE A 146 11.29 7.35 12.60
N LYS A 147 11.26 6.09 13.05
CA LYS A 147 11.40 4.97 12.12
C LYS A 147 10.27 4.94 11.09
N ILE A 148 9.07 5.38 11.46
CA ILE A 148 7.99 5.43 10.49
C ILE A 148 8.30 6.47 9.41
N VAL A 149 8.83 7.62 9.81
CA VAL A 149 9.19 8.65 8.85
C VAL A 149 10.23 8.13 7.86
N LEU A 150 11.21 7.38 8.37
CA LEU A 150 12.26 6.85 7.50
C LEU A 150 11.70 5.80 6.55
N ILE A 151 10.91 4.86 7.09
CA ILE A 151 10.33 3.82 6.25
C ILE A 151 9.59 4.43 5.06
N ASN A 152 8.81 5.47 5.32
CA ASN A 152 7.99 6.07 4.27
C ASN A 152 8.77 7.05 3.41
N SER A 153 9.88 7.58 3.90
CA SER A 153 10.73 8.44 3.08
C SER A 153 11.55 7.62 2.09
N PHE A 154 12.22 6.57 2.58
CA PHE A 154 12.91 5.67 1.67
C PHE A 154 11.94 4.83 0.87
N GLY A 155 10.78 4.49 1.45
CA GLY A 155 9.74 3.84 0.67
C GLY A 155 9.34 4.67 -0.53
N ALA A 156 9.08 5.96 -0.31
CA ALA A 156 8.73 6.86 -1.40
C ALA A 156 9.76 6.77 -2.52
N ILE A 157 11.03 6.86 -2.18
CA ILE A 157 12.09 6.78 -3.19
C ILE A 157 12.05 5.43 -3.89
N LEU A 158 11.93 4.35 -3.11
CA LEU A 158 11.92 3.01 -3.70
C LEU A 158 10.70 2.78 -4.58
N GLN A 159 9.53 3.23 -4.13
CA GLN A 159 8.31 3.03 -4.91
C GLN A 159 8.31 3.89 -6.16
N GLY A 160 8.75 5.14 -6.04
CA GLY A 160 8.80 6.01 -7.21
C GLY A 160 9.83 5.58 -8.23
N SER A 161 10.94 4.99 -7.77
CA SER A 161 11.96 4.50 -8.68
C SER A 161 11.53 3.21 -9.37
N LEU A 162 10.74 2.37 -8.70
CA LEU A 162 10.31 1.12 -9.30
C LEU A 162 9.27 1.34 -10.39
N PHE A 163 8.32 2.24 -10.15
CA PHE A 163 7.33 2.54 -11.17
C PHE A 163 7.95 3.30 -12.34
N GLY A 164 8.96 4.13 -12.06
CA GLY A 164 9.69 4.76 -13.15
C GLY A 164 10.41 3.73 -14.00
N LEU A 165 11.12 2.80 -13.36
CA LEU A 165 11.82 1.76 -14.10
C LEU A 165 10.85 0.92 -14.91
N ALA A 166 9.75 0.47 -14.28
CA ALA A 166 8.76 -0.33 -14.99
C ALA A 166 8.12 0.44 -16.14
N GLY A 167 8.22 1.78 -16.15
CA GLY A 167 7.69 2.55 -17.25
C GLY A 167 8.38 2.30 -18.57
N LEU A 168 9.60 1.74 -18.54
CA LEU A 168 10.33 1.43 -19.75
C LEU A 168 9.92 0.09 -20.35
N PHE A 169 9.34 -0.79 -19.56
CA PHE A 169 8.95 -2.12 -20.00
C PHE A 169 7.50 -2.12 -20.45
N PRO A 170 7.01 -3.22 -21.01
CA PRO A 170 5.59 -3.32 -21.33
C PRO A 170 4.74 -3.11 -20.10
N ALA A 171 3.43 -2.92 -20.35
CA ALA A 171 2.50 -2.66 -19.25
C ALA A 171 2.43 -3.83 -18.28
N SER A 172 2.56 -5.06 -18.78
CA SER A 172 2.48 -6.23 -17.92
C SER A 172 3.46 -6.15 -16.76
N TYR A 173 4.59 -5.47 -16.95
CA TYR A 173 5.62 -5.42 -15.92
C TYR A 173 5.32 -4.39 -14.85
N THR A 174 4.51 -3.37 -15.13
CA THR A 174 3.96 -2.57 -14.05
C THR A 174 2.89 -3.35 -13.29
N ALA A 175 2.12 -4.19 -13.99
CA ALA A 175 1.16 -5.04 -13.32
C ALA A 175 1.85 -6.03 -12.38
N ALA A 176 3.03 -6.51 -12.77
CA ALA A 176 3.80 -7.38 -11.88
C ALA A 176 4.04 -6.71 -10.54
N ILE A 177 4.47 -5.44 -10.56
CA ILE A 177 4.72 -4.72 -9.31
C ILE A 177 3.42 -4.59 -8.52
N MET A 178 2.35 -4.13 -9.17
CA MET A 178 1.07 -4.01 -8.50
C MET A 178 0.63 -5.35 -7.92
N SER A 179 0.77 -6.42 -8.70
CA SER A 179 0.36 -7.74 -8.24
C SER A 179 1.18 -8.19 -7.04
N GLY A 180 2.49 -7.94 -7.07
CA GLY A 180 3.32 -8.30 -5.92
C GLY A 180 2.96 -7.51 -4.68
N GLN A 181 2.56 -6.25 -4.86
CA GLN A 181 2.03 -5.46 -3.74
C GLN A 181 0.74 -6.05 -3.22
N GLY A 182 -0.16 -6.45 -4.11
CA GLY A 182 -1.38 -7.10 -3.67
C GLY A 182 -1.10 -8.35 -2.85
N LEU A 183 -0.11 -9.14 -3.26
CA LEU A 183 0.27 -10.31 -2.47
C LEU A 183 0.79 -9.89 -1.10
N ALA A 184 1.47 -8.75 -1.02
CA ALA A 184 1.96 -8.28 0.28
C ALA A 184 0.80 -8.02 1.22
N GLY A 185 -0.30 -7.48 0.70
CA GLY A 185 -1.47 -7.26 1.53
C GLY A 185 -2.13 -8.55 1.96
N PHE A 186 -2.22 -9.52 1.03
CA PHE A 186 -2.77 -10.82 1.38
C PHE A 186 -1.96 -11.49 2.49
N PHE A 187 -0.64 -11.50 2.36
CA PHE A 187 0.20 -12.09 3.39
C PHE A 187 0.01 -11.38 4.73
N ALA A 188 -0.13 -10.05 4.69
CA ALA A 188 -0.38 -9.30 5.91
C ALA A 188 -1.67 -9.74 6.57
N SER A 189 -2.69 -10.08 5.78
CA SER A 189 -3.95 -10.52 6.35
C SER A 189 -3.85 -11.93 6.91
N VAL A 190 -3.11 -12.81 6.22
CA VAL A 190 -2.89 -14.15 6.76
C VAL A 190 -2.10 -14.07 8.06
N ALA A 191 -1.10 -13.18 8.11
CA ALA A 191 -0.29 -13.03 9.32
C ALA A 191 -1.10 -12.50 10.49
N MET A 192 -2.00 -11.54 10.22
CA MET A 192 -2.84 -11.02 11.29
C MET A 192 -3.75 -12.10 11.85
N ILE A 193 -4.44 -12.83 10.97
CA ILE A 193 -5.36 -13.87 11.42
C ILE A 193 -4.59 -14.93 12.21
N CYS A 194 -3.50 -15.44 11.64
CA CYS A 194 -2.73 -16.48 12.32
C CYS A 194 -2.22 -15.99 13.68
N ALA A 195 -1.88 -14.71 13.79
CA ALA A 195 -1.39 -14.18 15.07
C ALA A 195 -2.47 -14.23 16.13
N ILE A 196 -3.68 -13.77 15.80
CA ILE A 196 -4.80 -13.87 16.73
C ILE A 196 -5.01 -15.31 17.13
N ALA A 197 -5.12 -16.21 16.15
CA ALA A 197 -5.43 -17.61 16.43
C ALA A 197 -4.30 -18.33 17.16
N SER A 198 -3.07 -17.82 17.11
CA SER A 198 -1.97 -18.50 17.78
C SER A 198 -2.11 -18.40 19.29
N GLY A 199 -2.59 -17.27 19.79
CA GLY A 199 -2.60 -17.01 21.22
C GLY A 199 -1.30 -16.47 21.75
N SER A 200 -0.35 -16.13 20.88
CA SER A 200 0.93 -15.60 21.29
C SER A 200 0.79 -14.15 21.71
N GLU A 201 1.73 -13.70 22.54
CA GLU A 201 1.77 -12.30 22.93
C GLU A 201 1.95 -11.41 21.70
N LEU A 202 1.25 -10.28 21.70
CA LEU A 202 1.36 -9.35 20.57
C LEU A 202 2.82 -9.01 20.27
N SER A 203 3.68 -9.01 21.29
CA SER A 203 5.08 -8.64 21.07
C SER A 203 5.82 -9.70 20.27
N GLU A 204 5.54 -10.97 20.51
CA GLU A 204 6.27 -12.02 19.80
C GLU A 204 5.72 -12.20 18.38
N SER A 205 4.41 -12.04 18.20
CA SER A 205 3.87 -11.97 16.84
C SER A 205 4.55 -10.84 16.06
N ALA A 206 4.66 -9.67 16.69
CA ALA A 206 5.26 -8.51 16.03
C ALA A 206 6.74 -8.75 15.74
N PHE A 207 7.44 -9.41 16.66
CA PHE A 207 8.83 -9.76 16.40
C PHE A 207 8.93 -10.71 15.20
N GLY A 208 7.97 -11.61 15.06
CA GLY A 208 7.94 -12.45 13.87
C GLY A 208 7.67 -11.65 12.61
N TYR A 209 6.70 -10.73 12.67
CA TYR A 209 6.45 -9.84 11.55
C TYR A 209 7.74 -9.17 11.09
N PHE A 210 8.45 -8.51 12.02
CA PHE A 210 9.59 -7.69 11.64
C PHE A 210 10.75 -8.53 11.12
N ILE A 211 10.97 -9.72 11.71
CA ILE A 211 12.03 -10.59 11.22
C ILE A 211 11.68 -11.09 9.83
N THR A 212 10.41 -11.42 9.59
CA THR A 212 9.99 -11.85 8.27
C THR A 212 10.23 -10.75 7.24
N ALA A 213 9.84 -9.52 7.57
CA ALA A 213 10.08 -8.41 6.66
C ALA A 213 11.56 -8.27 6.34
N CYS A 214 12.43 -8.40 7.34
CA CYS A 214 13.86 -8.35 7.10
C CYS A 214 14.28 -9.40 6.10
N ALA A 215 13.78 -10.64 6.26
CA ALA A 215 14.13 -11.69 5.32
C ALA A 215 13.61 -11.37 3.92
N VAL A 216 12.39 -10.83 3.83
CA VAL A 216 11.82 -10.48 2.53
C VAL A 216 12.61 -9.36 1.87
N ILE A 217 13.10 -8.40 2.66
CA ILE A 217 13.86 -7.30 2.08
C ILE A 217 15.19 -7.82 1.54
N ILE A 218 15.79 -8.80 2.22
CA ILE A 218 17.04 -9.37 1.73
C ILE A 218 16.79 -10.15 0.43
N LEU A 219 15.68 -10.90 0.38
CA LEU A 219 15.36 -11.63 -0.85
C LEU A 219 15.07 -10.68 -2.00
N THR A 220 14.39 -9.57 -1.71
CA THR A 220 14.15 -8.56 -2.75
C THR A 220 15.46 -8.00 -3.30
N ILE A 221 16.41 -7.72 -2.42
CA ILE A 221 17.70 -7.20 -2.88
C ILE A 221 18.38 -8.21 -3.80
N ILE A 222 18.44 -9.48 -3.37
CA ILE A 222 19.07 -10.51 -4.19
C ILE A 222 18.42 -10.54 -5.58
N CYS A 223 17.09 -10.59 -5.62
CA CYS A 223 16.39 -10.65 -6.90
C CYS A 223 16.71 -9.45 -7.77
N TYR A 224 16.68 -8.26 -7.18
CA TYR A 224 17.02 -7.07 -7.96
C TYR A 224 18.41 -7.20 -8.56
N LEU A 225 19.37 -7.68 -7.77
CA LEU A 225 20.74 -7.79 -8.25
C LEU A 225 20.87 -8.75 -9.43
N GLY A 226 19.89 -9.62 -9.65
CA GLY A 226 19.95 -10.55 -10.74
C GLY A 226 19.47 -10.04 -12.08
N LEU A 227 19.04 -8.79 -12.16
CA LEU A 227 18.45 -8.25 -13.37
C LEU A 227 19.47 -7.95 -14.45
N PRO A 228 20.60 -7.31 -14.12
CA PRO A 228 21.52 -6.85 -15.18
C PRO A 228 22.02 -7.96 -16.11
N ARG A 229 22.07 -9.21 -15.65
CA ARG A 229 22.56 -10.30 -16.47
C ARG A 229 21.46 -10.89 -17.36
N LEU A 230 20.24 -10.39 -17.28
CA LEU A 230 19.13 -10.89 -18.07
C LEU A 230 18.98 -10.03 -19.33
N GLU A 231 18.91 -10.68 -20.49
CA GLU A 231 18.86 -9.96 -21.75
C GLU A 231 17.59 -9.12 -21.86
N PHE A 232 16.44 -9.68 -21.44
CA PHE A 232 15.19 -8.94 -21.54
C PHE A 232 15.26 -7.64 -20.76
N TYR A 233 15.93 -7.65 -19.61
CA TYR A 233 16.05 -6.44 -18.81
C TYR A 233 16.90 -5.39 -19.51
N ARG A 234 18.05 -5.79 -20.05
CA ARG A 234 18.91 -4.82 -20.72
C ARG A 234 18.27 -4.28 -21.99
N TYR A 235 17.40 -5.05 -22.63
CA TYR A 235 16.77 -4.60 -23.86
C TYR A 235 15.96 -3.33 -23.62
N TYR A 236 15.12 -3.33 -22.58
CA TYR A 236 14.30 -2.16 -22.28
C TYR A 236 15.01 -1.14 -21.40
N GLN A 237 15.98 -1.56 -20.61
CA GLN A 237 16.70 -0.62 -19.76
C GLN A 237 17.75 0.18 -20.52
N GLN A 238 18.23 -0.33 -21.66
CA GLN A 238 19.13 0.43 -22.51
C GLN A 238 18.44 1.62 -23.17
N LEU A 239 17.11 1.70 -23.09
CA LEU A 239 16.36 2.85 -23.60
C LEU A 239 16.63 4.12 -22.81
N LYS A 240 17.57 4.09 -21.86
CA LYS A 240 17.98 5.31 -21.17
C LYS A 240 18.96 6.13 -21.98
N LEU A 241 19.63 5.52 -22.94
CA LEU A 241 20.68 6.20 -23.69
C LEU A 241 20.13 6.95 -24.90
N SER A 250 10.88 18.55 -19.14
CA SER A 250 9.57 19.16 -19.32
C SER A 250 8.51 18.39 -18.54
N ILE A 251 8.58 18.48 -17.21
CA ILE A 251 7.64 17.75 -16.37
C ILE A 251 6.21 18.22 -16.61
N LYS A 252 6.02 19.50 -16.93
CA LYS A 252 4.66 20.00 -17.15
C LYS A 252 4.02 19.34 -18.36
N ALA A 253 4.78 19.17 -19.44
CA ALA A 253 4.23 18.52 -20.62
C ALA A 253 3.93 17.05 -20.37
N ILE A 254 4.81 16.37 -19.62
CA ILE A 254 4.57 14.97 -19.30
C ILE A 254 3.30 14.83 -18.47
N LEU A 255 3.09 15.75 -17.51
CA LEU A 255 1.91 15.68 -16.67
C LEU A 255 0.65 15.93 -17.47
N LYS A 256 0.70 16.82 -18.47
CA LYS A 256 -0.46 17.05 -19.31
C LYS A 256 -0.84 15.80 -20.10
N LYS A 257 0.14 14.96 -20.43
CA LYS A 257 -0.14 13.76 -21.23
C LYS A 257 -0.70 12.62 -20.39
N ILE A 258 -0.41 12.58 -19.10
CA ILE A 258 -0.88 11.51 -18.22
C ILE A 258 -1.91 12.00 -17.22
N SER A 259 -2.40 13.24 -17.37
CA SER A 259 -3.23 13.85 -16.33
C SER A 259 -4.48 13.04 -16.04
N VAL A 260 -5.08 12.42 -17.06
CA VAL A 260 -6.30 11.65 -16.84
C VAL A 260 -6.02 10.47 -15.92
N LEU A 261 -4.96 9.70 -16.21
CA LEU A 261 -4.65 8.55 -15.38
C LEU A 261 -4.11 8.97 -14.01
N ALA A 262 -3.35 10.07 -13.97
CA ALA A 262 -2.79 10.53 -12.71
C ALA A 262 -3.89 10.95 -11.74
N PHE A 263 -4.83 11.77 -12.21
CA PHE A 263 -5.94 12.18 -11.35
C PHE A 263 -6.85 11.00 -11.03
N SER A 264 -7.03 10.08 -11.99
CA SER A 264 -7.82 8.88 -11.73
C SER A 264 -7.24 8.09 -10.58
N VAL A 265 -5.95 7.75 -10.64
CA VAL A 265 -5.36 6.94 -9.57
C VAL A 265 -5.39 7.70 -8.26
N CYS A 266 -5.21 9.02 -8.30
CA CYS A 266 -5.35 9.81 -7.09
C CYS A 266 -6.74 9.68 -6.51
N PHE A 267 -7.78 9.74 -7.36
CA PHE A 267 -9.14 9.61 -6.88
C PHE A 267 -9.44 8.20 -6.41
N ILE A 268 -8.79 7.19 -7.00
CA ILE A 268 -8.98 5.82 -6.55
C ILE A 268 -8.62 5.71 -5.07
N PHE A 269 -7.41 6.12 -4.72
CA PHE A 269 -6.92 5.95 -3.35
C PHE A 269 -7.48 6.98 -2.39
N THR A 270 -7.89 8.14 -2.89
CA THR A 270 -8.66 9.05 -2.03
C THR A 270 -9.89 8.34 -1.48
N ILE A 271 -10.68 7.73 -2.36
CA ILE A 271 -11.87 7.00 -1.91
C ILE A 271 -11.46 5.85 -0.99
N THR A 272 -10.51 5.03 -1.45
CA THR A 272 -10.19 3.82 -0.71
C THR A 272 -9.72 4.13 0.71
N ILE A 273 -8.71 5.00 0.84
CA ILE A 273 -8.18 5.30 2.16
C ILE A 273 -9.14 6.16 2.97
N GLY A 274 -10.06 6.86 2.30
CA GLY A 274 -11.08 7.59 3.03
C GLY A 274 -12.08 6.69 3.73
N MET A 275 -12.27 5.47 3.20
CA MET A 275 -13.17 4.50 3.80
C MET A 275 -12.45 3.36 4.52
N PHE A 276 -11.26 2.99 4.07
CA PHE A 276 -10.53 1.83 4.57
C PHE A 276 -9.16 2.27 5.08
N PRO A 277 -8.73 1.85 6.27
CA PRO A 277 -9.42 0.97 7.24
C PRO A 277 -10.19 1.70 8.33
N ALA A 278 -9.87 2.99 8.57
CA ALA A 278 -10.40 3.68 9.74
C ALA A 278 -11.92 3.56 9.87
N VAL A 279 -12.64 3.67 8.75
CA VAL A 279 -14.10 3.64 8.82
C VAL A 279 -14.61 2.20 8.83
N THR A 280 -14.05 1.35 7.97
CA THR A 280 -14.60 0.01 7.79
C THR A 280 -14.36 -0.88 9.01
N VAL A 281 -13.28 -0.65 9.75
CA VAL A 281 -12.99 -1.48 10.91
C VAL A 281 -14.00 -1.31 12.04
N GLU A 282 -14.90 -0.33 11.93
CA GLU A 282 -15.92 -0.10 12.95
C GLU A 282 -17.20 -0.86 12.68
N VAL A 283 -17.28 -1.60 11.57
CA VAL A 283 -18.45 -2.42 11.29
C VAL A 283 -18.46 -3.62 12.23
N LYS A 284 -19.65 -3.99 12.68
CA LYS A 284 -19.85 -5.12 13.59
C LYS A 284 -20.76 -6.14 12.94
N SER A 285 -20.57 -7.40 13.29
CA SER A 285 -21.42 -8.46 12.77
C SER A 285 -22.82 -8.31 13.33
N SER A 286 -23.80 -8.78 12.54
CA SER A 286 -25.18 -8.85 12.99
C SER A 286 -25.74 -10.26 12.93
N ILE A 287 -24.92 -11.25 12.58
CA ILE A 287 -25.38 -12.63 12.48
C ILE A 287 -24.48 -13.56 13.29
N ALA A 288 -23.56 -12.99 14.06
CA ALA A 288 -22.62 -13.80 14.82
C ALA A 288 -23.37 -14.72 15.77
N GLY A 289 -22.92 -15.98 15.83
CA GLY A 289 -23.52 -16.93 16.74
C GLY A 289 -22.71 -17.12 18.01
N SER A 290 -21.45 -16.72 17.97
CA SER A 290 -20.51 -16.99 19.05
C SER A 290 -19.70 -15.74 19.34
N SER A 291 -19.27 -15.62 20.60
CA SER A 291 -18.37 -14.54 20.98
C SER A 291 -17.01 -14.64 20.30
N THR A 292 -16.68 -15.81 19.73
CA THR A 292 -15.41 -15.97 19.04
C THR A 292 -15.35 -15.14 17.76
N TRP A 293 -16.50 -14.77 17.20
CA TRP A 293 -16.51 -13.94 15.99
C TRP A 293 -15.89 -12.57 16.24
N GLU A 294 -16.06 -12.03 17.46
CA GLU A 294 -15.72 -10.63 17.71
C GLU A 294 -14.29 -10.31 17.28
N ARG A 295 -13.32 -11.06 17.79
CA ARG A 295 -11.93 -10.77 17.48
C ARG A 295 -11.55 -11.15 16.06
N TYR A 296 -12.41 -11.86 15.33
CA TYR A 296 -12.10 -12.29 13.98
C TYR A 296 -12.92 -11.58 12.90
N PHE A 297 -14.06 -10.98 13.25
CA PHE A 297 -14.94 -10.44 12.21
C PHE A 297 -14.19 -9.46 11.32
N ILE A 298 -13.52 -8.48 11.91
CA ILE A 298 -12.84 -7.43 11.15
C ILE A 298 -11.67 -8.01 10.36
N PRO A 299 -10.71 -8.67 11.01
CA PRO A 299 -9.57 -9.21 10.23
C PRO A 299 -9.97 -10.16 9.11
N VAL A 300 -11.16 -10.77 9.18
CA VAL A 300 -11.60 -11.66 8.11
C VAL A 300 -12.51 -10.91 7.14
N SER A 301 -13.63 -10.38 7.63
CA SER A 301 -14.64 -9.82 6.74
C SER A 301 -14.23 -8.48 6.14
N CYS A 302 -13.27 -7.79 6.76
CA CYS A 302 -12.79 -6.50 6.26
C CYS A 302 -11.39 -6.63 5.65
N PHE A 303 -10.39 -6.96 6.46
CA PHE A 303 -9.01 -6.94 5.97
C PHE A 303 -8.76 -8.05 4.95
N LEU A 304 -9.12 -9.29 5.28
CA LEU A 304 -8.87 -10.40 4.36
C LEU A 304 -9.65 -10.21 3.05
N THR A 305 -10.93 -9.87 3.16
CA THR A 305 -11.73 -9.63 1.96
C THR A 305 -11.06 -8.58 1.09
N PHE A 306 -10.60 -7.48 1.70
CA PHE A 306 -9.99 -6.41 0.94
C PHE A 306 -8.72 -6.87 0.26
N ASN A 307 -7.83 -7.52 1.00
CA ASN A 307 -6.52 -7.86 0.45
C ASN A 307 -6.59 -9.03 -0.53
N ILE A 308 -7.57 -9.92 -0.36
CA ILE A 308 -7.78 -10.96 -1.36
C ILE A 308 -8.21 -10.34 -2.69
N PHE A 309 -9.31 -9.59 -2.68
CA PHE A 309 -9.89 -9.09 -3.92
C PHE A 309 -9.10 -7.92 -4.52
N ASP A 310 -8.38 -7.16 -3.69
CA ASP A 310 -7.48 -6.14 -4.22
C ASP A 310 -6.29 -6.80 -4.93
N TRP A 311 -5.71 -7.81 -4.30
CA TRP A 311 -4.64 -8.58 -4.92
C TRP A 311 -5.09 -9.17 -6.26
N LEU A 312 -6.26 -9.82 -6.26
CA LEU A 312 -6.75 -10.44 -7.49
C LEU A 312 -6.99 -9.40 -8.58
N GLY A 313 -7.56 -8.26 -8.21
CA GLY A 313 -7.75 -7.19 -9.19
C GLY A 313 -6.44 -6.77 -9.83
N ARG A 314 -5.44 -6.49 -9.00
CA ARG A 314 -4.13 -6.11 -9.52
C ARG A 314 -3.54 -7.24 -10.38
N SER A 315 -3.79 -8.49 -10.00
CA SER A 315 -3.20 -9.61 -10.71
C SER A 315 -3.83 -9.81 -12.08
N LEU A 316 -5.14 -9.54 -12.19
CA LEU A 316 -5.82 -9.71 -13.47
C LEU A 316 -5.25 -8.79 -14.54
N THR A 317 -4.71 -7.64 -14.14
CA THR A 317 -4.24 -6.67 -15.12
C THR A 317 -3.03 -7.18 -15.91
N ALA A 318 -2.25 -8.09 -15.33
CA ALA A 318 -1.13 -8.65 -16.08
C ALA A 318 -1.58 -9.48 -17.27
N VAL A 319 -2.86 -9.86 -17.32
CA VAL A 319 -3.38 -10.68 -18.40
C VAL A 319 -4.63 -10.10 -19.06
N PHE A 320 -5.35 -9.19 -18.42
CA PHE A 320 -6.60 -8.64 -18.94
C PHE A 320 -6.65 -7.18 -18.54
N MET A 321 -6.68 -6.27 -19.52
CA MET A 321 -6.51 -4.84 -19.26
C MET A 321 -7.63 -4.00 -19.85
N TRP A 322 -8.80 -4.57 -20.03
CA TRP A 322 -9.97 -3.77 -20.39
C TRP A 322 -10.18 -2.70 -19.32
N PRO A 323 -10.54 -1.46 -19.68
CA PRO A 323 -11.01 -0.97 -21.00
C PRO A 323 -9.96 -0.47 -22.00
N GLY A 324 -8.69 -0.39 -21.64
CA GLY A 324 -7.67 0.06 -22.57
C GLY A 324 -7.14 1.44 -22.19
N LYS A 325 -5.93 1.73 -22.68
CA LYS A 325 -5.22 2.94 -22.28
C LYS A 325 -5.91 4.21 -22.78
N ASP A 326 -6.73 4.11 -23.82
CA ASP A 326 -7.34 5.27 -24.45
C ASP A 326 -8.83 5.39 -24.17
N SER A 327 -9.42 4.48 -23.40
CA SER A 327 -10.86 4.45 -23.21
C SER A 327 -11.27 5.36 -22.07
N ARG A 328 -12.32 6.16 -22.31
CA ARG A 328 -12.87 7.03 -21.28
C ARG A 328 -13.64 6.25 -20.22
N TRP A 329 -13.77 4.93 -20.35
CA TRP A 329 -14.44 4.14 -19.32
C TRP A 329 -13.62 4.08 -18.04
N LEU A 330 -12.29 4.14 -18.15
CA LEU A 330 -11.45 3.97 -16.96
C LEU A 330 -11.65 5.11 -15.98
N PRO A 331 -11.60 6.39 -16.39
CA PRO A 331 -11.96 7.45 -15.44
C PRO A 331 -13.40 7.37 -14.98
N SER A 332 -14.31 6.89 -15.83
CA SER A 332 -15.72 6.83 -15.45
C SER A 332 -15.96 5.83 -14.32
N LEU A 333 -15.31 4.67 -14.38
CA LEU A 333 -15.45 3.69 -13.31
C LEU A 333 -14.76 4.17 -12.05
N VAL A 334 -13.61 4.86 -12.19
CA VAL A 334 -12.96 5.45 -11.02
C VAL A 334 -13.91 6.40 -10.32
N LEU A 335 -14.66 7.19 -11.10
CA LEU A 335 -15.64 8.11 -10.52
C LEU A 335 -16.79 7.34 -9.87
N ALA A 336 -17.31 6.33 -10.56
CA ALA A 336 -18.45 5.58 -10.05
C ALA A 336 -18.18 4.95 -8.69
N ARG A 337 -16.90 4.75 -8.33
CA ARG A 337 -16.58 4.16 -7.04
C ARG A 337 -17.05 5.04 -5.89
N LEU A 338 -17.33 6.31 -6.14
CA LEU A 338 -17.87 7.20 -5.11
C LEU A 338 -19.08 6.60 -4.43
N VAL A 339 -19.75 5.64 -5.07
CA VAL A 339 -20.93 5.02 -4.50
C VAL A 339 -20.59 4.27 -3.22
N PHE A 340 -19.35 3.81 -3.08
CA PHE A 340 -19.00 2.99 -1.93
C PHE A 340 -19.01 3.79 -0.63
N VAL A 341 -18.81 5.10 -0.70
CA VAL A 341 -18.83 5.97 0.47
C VAL A 341 -20.18 5.80 1.17
N PRO A 342 -21.32 6.16 0.54
CA PRO A 342 -22.60 5.90 1.22
C PRO A 342 -22.83 4.43 1.53
N LEU A 343 -22.48 3.53 0.60
CA LEU A 343 -22.75 2.12 0.79
C LEU A 343 -22.10 1.62 2.08
N LEU A 344 -20.79 1.81 2.22
CA LEU A 344 -20.08 1.29 3.39
C LEU A 344 -20.44 2.06 4.66
N LEU A 345 -20.68 3.38 4.55
CA LEU A 345 -21.04 4.16 5.72
C LEU A 345 -22.37 3.71 6.30
N LEU A 346 -23.25 3.14 5.47
CA LEU A 346 -24.54 2.66 5.93
C LEU A 346 -24.56 1.16 6.18
N CYS A 347 -23.38 0.54 6.33
CA CYS A 347 -23.29 -0.81 6.83
C CYS A 347 -23.33 -0.80 8.36
N ASN A 348 -23.29 -1.99 8.98
CA ASN A 348 -23.61 -2.12 10.40
C ASN A 348 -22.47 -1.59 11.26
N ILE A 349 -22.29 -0.28 11.23
CA ILE A 349 -21.28 0.39 12.06
C ILE A 349 -21.86 0.57 13.46
N LYS A 350 -21.16 0.03 14.46
CA LYS A 350 -21.55 0.12 15.87
C LYS A 350 -20.31 0.40 16.70
N PRO A 351 -20.40 1.36 17.64
CA PRO A 351 -21.57 2.24 17.93
C PRO A 351 -21.76 3.30 16.86
N ARG A 352 -23.00 3.66 16.55
CA ARG A 352 -23.35 4.71 15.61
C ARG A 352 -24.32 5.65 16.31
N ARG A 353 -24.20 6.95 16.01
CA ARG A 353 -25.01 7.98 16.67
C ARG A 353 -25.84 8.84 15.74
N TYR A 354 -25.45 8.99 14.48
CA TYR A 354 -26.07 9.91 13.56
C TYR A 354 -26.73 9.28 12.32
N LEU A 355 -26.22 8.17 11.81
CA LEU A 355 -26.73 7.51 10.61
C LEU A 355 -27.47 6.21 10.97
N THR A 356 -28.29 5.70 10.04
CA THR A 356 -29.01 4.44 10.24
C THR A 356 -28.31 3.32 9.48
N VAL A 357 -28.47 2.09 9.95
CA VAL A 357 -27.90 0.91 9.30
C VAL A 357 -28.86 0.47 8.19
N VAL A 358 -28.53 0.78 6.94
CA VAL A 358 -29.36 0.33 5.83
C VAL A 358 -28.99 -1.10 5.43
N PHE A 359 -27.74 -1.50 5.62
CA PHE A 359 -27.26 -2.82 5.22
C PHE A 359 -26.69 -3.54 6.45
N GLU A 360 -27.55 -4.27 7.16
CA GLU A 360 -27.13 -4.85 8.43
C GLU A 360 -26.45 -6.22 8.29
N HIS A 361 -26.93 -7.07 7.38
CA HIS A 361 -26.37 -8.40 7.21
C HIS A 361 -24.91 -8.31 6.78
N ASP A 362 -24.08 -9.22 7.34
CA ASP A 362 -22.64 -9.20 7.04
C ASP A 362 -22.37 -9.35 5.54
N ALA A 363 -23.25 -10.11 4.88
CA ALA A 363 -23.10 -10.38 3.45
C ALA A 363 -23.09 -9.10 2.61
N TRP A 364 -23.84 -8.09 3.03
CA TRP A 364 -23.75 -6.78 2.39
C TRP A 364 -22.34 -6.20 2.53
N PHE A 365 -21.82 -6.23 3.75
CA PHE A 365 -20.50 -5.66 4.02
C PHE A 365 -19.41 -6.40 3.26
N ILE A 366 -19.46 -7.73 3.28
CA ILE A 366 -18.43 -8.51 2.59
C ILE A 366 -18.54 -8.30 1.08
N PHE A 367 -19.76 -8.22 0.56
CA PHE A 367 -19.94 -8.00 -0.87
C PHE A 367 -19.40 -6.63 -1.27
N PHE A 368 -19.75 -5.59 -0.50
CA PHE A 368 -19.24 -4.25 -0.79
C PHE A 368 -17.73 -4.19 -0.67
N MET A 369 -17.16 -4.81 0.37
CA MET A 369 -15.72 -4.79 0.55
C MET A 369 -15.00 -5.46 -0.62
N ALA A 370 -15.56 -6.57 -1.12
CA ALA A 370 -14.95 -7.26 -2.25
C ALA A 370 -14.95 -6.39 -3.50
N ALA A 371 -16.11 -5.80 -3.83
CA ALA A 371 -16.20 -4.93 -4.99
C ALA A 371 -15.38 -3.66 -4.79
N PHE A 372 -15.52 -3.03 -3.62
CA PHE A 372 -14.68 -1.90 -3.24
C PHE A 372 -13.20 -2.22 -3.45
N ALA A 373 -12.76 -3.41 -3.02
CA ALA A 373 -11.35 -3.75 -3.10
C ALA A 373 -10.94 -4.18 -4.51
N PHE A 374 -11.81 -4.90 -5.22
CA PHE A 374 -11.44 -5.34 -6.57
C PHE A 374 -11.32 -4.17 -7.51
N SER A 375 -12.28 -3.25 -7.49
CA SER A 375 -12.21 -2.07 -8.34
C SER A 375 -10.99 -1.25 -8.02
N ASN A 376 -10.63 -1.13 -6.74
CA ASN A 376 -9.43 -0.39 -6.37
C ASN A 376 -8.20 -1.01 -7.04
N GLY A 377 -7.96 -2.30 -6.80
CA GLY A 377 -6.75 -2.91 -7.31
C GLY A 377 -6.74 -2.96 -8.83
N TYR A 378 -7.86 -3.34 -9.44
CA TYR A 378 -7.89 -3.50 -10.88
C TYR A 378 -7.74 -2.16 -11.60
N LEU A 379 -8.48 -1.14 -11.17
CA LEU A 379 -8.38 0.15 -11.83
C LEU A 379 -7.08 0.86 -11.48
N ALA A 380 -6.59 0.70 -10.25
CA ALA A 380 -5.32 1.31 -9.89
C ALA A 380 -4.17 0.74 -10.71
N SER A 381 -4.15 -0.59 -10.90
CA SER A 381 -3.11 -1.19 -11.71
C SER A 381 -3.19 -0.71 -13.15
N LEU A 382 -4.40 -0.57 -13.68
CA LEU A 382 -4.55 -0.07 -15.04
C LEU A 382 -4.00 1.34 -15.17
N CYS A 383 -4.28 2.20 -14.19
CA CYS A 383 -3.77 3.58 -14.26
C CYS A 383 -2.25 3.60 -14.21
N MET A 384 -1.66 2.79 -13.33
CA MET A 384 -0.20 2.78 -13.21
C MET A 384 0.46 2.16 -14.44
N CYS A 385 -0.22 1.19 -15.06
CA CYS A 385 0.35 0.55 -16.24
C CYS A 385 0.28 1.45 -17.46
N PHE A 386 -0.84 2.14 -17.64
CA PHE A 386 -1.06 2.94 -18.84
C PHE A 386 -0.38 4.30 -18.77
N GLY A 387 -0.33 4.91 -17.59
CA GLY A 387 0.23 6.24 -17.43
C GLY A 387 1.52 6.42 -18.20
N PRO A 388 2.52 5.57 -17.92
CA PRO A 388 3.81 5.70 -18.62
C PRO A 388 3.71 5.50 -20.12
N LYS A 389 2.69 4.80 -20.61
CA LYS A 389 2.55 4.52 -22.03
C LYS A 389 1.84 5.63 -22.80
N LYS A 390 1.37 6.67 -22.11
CA LYS A 390 0.82 7.83 -22.79
C LYS A 390 1.89 8.79 -23.28
N VAL A 391 3.16 8.46 -23.11
CA VAL A 391 4.27 9.37 -23.36
C VAL A 391 5.38 8.59 -24.07
N LYS A 392 6.32 9.34 -24.64
CA LYS A 392 7.42 8.73 -25.38
C LYS A 392 8.34 7.97 -24.44
N PRO A 393 9.14 7.03 -24.97
CA PRO A 393 9.99 6.22 -24.08
C PRO A 393 10.96 7.03 -23.25
N ALA A 394 11.61 8.03 -23.83
CA ALA A 394 12.58 8.85 -23.10
C ALA A 394 11.94 9.67 -21.99
N GLU A 395 10.62 9.60 -21.84
CA GLU A 395 9.91 10.26 -20.75
C GLU A 395 9.10 9.30 -19.91
N ALA A 396 9.07 8.01 -20.27
CA ALA A 396 8.26 7.05 -19.53
C ALA A 396 8.70 6.95 -18.08
N GLU A 397 10.01 6.98 -17.84
CA GLU A 397 10.53 6.91 -16.47
C GLU A 397 9.95 8.03 -15.61
N THR A 398 10.07 9.28 -16.08
CA THR A 398 9.50 10.39 -15.33
C THR A 398 8.00 10.23 -15.15
N ALA A 399 7.30 9.81 -16.20
CA ALA A 399 5.86 9.59 -16.08
C ALA A 399 5.55 8.62 -14.95
N GLY A 400 6.26 7.48 -14.90
CA GLY A 400 6.05 6.55 -13.81
C GLY A 400 6.25 7.20 -12.45
N ALA A 401 7.36 7.93 -12.30
CA ALA A 401 7.62 8.63 -11.04
C ALA A 401 6.45 9.54 -10.66
N ILE A 402 5.95 10.31 -11.63
CA ILE A 402 4.81 11.19 -11.34
C ILE A 402 3.61 10.36 -10.91
N MET A 403 3.30 9.30 -11.65
CA MET A 403 2.19 8.43 -11.29
C MET A 403 2.32 7.96 -9.85
N ALA A 404 3.53 7.64 -9.40
CA ALA A 404 3.74 7.24 -8.02
C ALA A 404 3.31 8.36 -7.06
N PHE A 405 3.75 9.58 -7.34
CA PHE A 405 3.36 10.71 -6.50
C PHE A 405 1.84 10.83 -6.40
N PHE A 406 1.15 10.78 -7.55
CA PHE A 406 -0.29 10.96 -7.51
C PHE A 406 -0.98 9.81 -6.76
N LEU A 407 -0.46 8.59 -6.91
CA LEU A 407 -0.93 7.49 -6.08
C LEU A 407 -0.80 7.86 -4.60
N CYS A 408 0.39 8.30 -4.20
CA CYS A 408 0.61 8.67 -2.80
C CYS A 408 -0.24 9.88 -2.43
N LEU A 409 -0.45 10.81 -3.36
CA LEU A 409 -1.34 11.94 -3.08
C LEU A 409 -2.75 11.45 -2.77
N GLY A 410 -3.25 10.50 -3.57
CA GLY A 410 -4.52 9.87 -3.22
C GLY A 410 -4.52 9.38 -1.78
N LEU A 411 -3.51 8.59 -1.42
CA LEU A 411 -3.42 8.08 -0.05
C LEU A 411 -3.52 9.21 0.96
N ALA A 412 -2.71 10.27 0.76
CA ALA A 412 -2.69 11.36 1.71
C ALA A 412 -4.05 12.05 1.81
N LEU A 413 -4.70 12.29 0.66
CA LEU A 413 -6.01 12.91 0.67
C LEU A 413 -7.03 12.01 1.35
N GLY A 414 -6.96 10.70 1.10
CA GLY A 414 -7.82 9.79 1.83
C GLY A 414 -7.65 9.92 3.33
N ALA A 415 -6.41 9.90 3.79
CA ALA A 415 -6.16 10.04 5.22
C ALA A 415 -6.78 11.30 5.79
N VAL A 416 -6.65 12.42 5.06
CA VAL A 416 -7.21 13.67 5.54
C VAL A 416 -8.73 13.55 5.69
N PHE A 417 -9.42 13.15 4.63
CA PHE A 417 -10.87 13.15 4.64
C PHE A 417 -11.41 12.31 5.79
N SER A 418 -10.96 11.06 5.90
CA SER A 418 -11.39 10.22 7.00
C SER A 418 -11.20 10.94 8.33
N PHE A 419 -10.04 11.56 8.53
CA PHE A 419 -9.78 12.28 9.76
C PHE A 419 -10.78 13.42 9.95
N LEU A 420 -10.93 14.26 8.92
CA LEU A 420 -11.87 15.38 9.01
C LEU A 420 -13.28 14.88 9.30
N PHE A 421 -13.67 13.73 8.74
CA PHE A 421 -14.98 13.17 9.05
C PHE A 421 -15.06 12.77 10.52
N ARG A 422 -14.06 12.04 11.01
CA ARG A 422 -14.07 11.62 12.41
C ARG A 422 -13.91 12.81 13.36
N ALA A 423 -13.19 13.84 12.94
CA ALA A 423 -12.98 15.01 13.80
C ALA A 423 -14.24 15.84 13.95
N ILE A 424 -15.14 15.80 12.97
CA ILE A 424 -16.39 16.55 13.08
C ILE A 424 -17.44 15.75 13.83
N VAL A 425 -17.53 14.45 13.56
CA VAL A 425 -18.47 13.58 14.25
C VAL A 425 -17.90 13.17 15.60
C9 OLC B . -25.09 -14.26 -0.83
C8 OLC B . -25.55 -14.41 0.61
C24 OLC B . -25.04 -17.44 7.39
C7 OLC B . -26.99 -13.92 0.77
C6 OLC B . -27.59 -14.54 2.03
C5 OLC B . -28.53 -13.55 2.72
C4 OLC B . -29.79 -14.26 3.22
C3 OLC B . -29.41 -15.34 4.24
C2 OLC B . -30.28 -15.23 5.48
C21 OLC B . -27.35 -16.45 7.45
C1 OLC B . -29.48 -15.73 6.68
C22 OLC B . -25.99 -16.43 6.76
O19 OLC B . -29.82 -15.42 7.79
O25 OLC B . -25.65 -18.70 7.45
O23 OLC B . -26.15 -16.75 5.40
O20 OLC B . -28.36 -16.54 6.48
C24 OLC C . -31.51 -11.17 4.96
C6 OLC C . -24.97 -9.70 -3.47
C5 OLC C . -25.03 -10.12 -1.99
C4 OLC C . -26.07 -9.25 -1.27
C3 OLC C . -26.51 -9.92 0.02
C2 OLC C . -27.98 -9.59 0.28
C21 OLC C . -30.13 -10.61 2.97
C1 OLC C . -28.31 -9.75 1.76
C22 OLC C . -31.21 -10.10 3.93
O19 OLC C . -27.46 -10.08 2.53
O25 OLC C . -32.24 -10.62 6.02
O23 OLC C . -30.74 -8.95 4.58
O20 OLC C . -29.61 -9.54 2.23
C24 OLC D . 16.79 6.21 27.57
C5 OLC D . 18.91 1.49 19.85
C4 OLC D . 17.73 2.32 20.38
C3 OLC D . 18.09 3.00 21.69
C2 OLC D . 16.91 3.81 22.22
C21 OLC D . 17.02 6.31 25.06
C1 OLC D . 17.36 4.92 23.16
C22 OLC D . 16.06 6.40 26.25
O19 OLC D . 18.50 5.26 23.18
O25 OLC D . 15.95 6.58 28.63
O23 OLC D . 15.46 7.67 26.27
O20 OLC D . 16.44 5.55 24.02
C24 OLC E . 9.41 14.47 23.58
C5 OLC E . 15.91 10.52 20.16
C4 OLC E . 14.76 9.73 20.80
C3 OLC E . 14.66 10.09 22.28
C2 OLC E . 13.20 10.35 22.68
C21 OLC E . 11.45 13.12 24.21
C1 OLC E . 13.13 11.57 23.61
C22 OLC E . 10.92 14.50 23.83
O19 OLC E . 13.72 11.57 24.64
O25 OLC E . 8.87 15.75 23.85
O23 OLC E . 11.17 15.40 24.87
O20 OLC E . 12.38 12.70 23.25
C10 OLC F . 21.86 4.59 3.03
C9 OLC F . 22.63 4.25 2.01
C11 OLC F . 21.92 3.83 4.34
C8 OLC F . 22.54 5.04 0.70
C24 OLC F . 25.82 11.76 -8.25
C12 OLC F . 21.49 4.75 5.48
C7 OLC F . 23.83 4.85 -0.11
C6 OLC F . 24.49 6.20 -0.38
C5 OLC F . 24.20 6.67 -1.81
C4 OLC F . 25.46 7.30 -2.42
C3 OLC F . 25.06 8.30 -3.50
C2 OLC F . 25.74 7.95 -4.83
C21 OLC F . 25.40 9.31 -8.21
C1 OLC F . 25.31 8.96 -5.89
C22 OLC F . 25.90 10.48 -9.06
O19 OLC F . 24.28 9.54 -5.75
O25 OLC F . 25.31 12.81 -9.05
O23 OLC F . 27.23 10.25 -9.45
O20 OLC F . 26.11 9.22 -7.01
C10 OLC G . 24.15 -0.02 -1.62
C9 OLC G . 24.36 0.91 -2.53
C11 OLC G . 24.46 0.25 -0.15
C8 OLC G . 24.05 0.64 -3.99
C24 OLC G . 24.82 -2.80 -14.86
C12 OLC G . 23.89 1.61 0.27
C7 OLC G . 25.17 1.21 -4.85
C6 OLC G . 24.88 0.92 -6.34
C5 OLC G . 24.82 -0.59 -6.53
C4 OLC G . 25.17 -0.96 -7.97
C3 OLC G . 24.95 -2.48 -8.12
C2 OLC G . 25.27 -2.88 -9.57
C21 OLC G . 24.73 -2.18 -12.43
C1 OLC G . 23.96 -3.08 -10.33
C22 OLC G . 24.83 -3.32 -13.43
O19 OLC G . 23.15 -3.84 -9.90
O25 OLC G . 23.50 -2.70 -15.31
O23 OLC G . 26.03 -4.00 -13.20
O20 OLC G . 23.68 -2.39 -11.52
C13 U00 H . 7.45 1.27 1.07
C17 U00 H . 7.12 1.58 2.40
C01 U00 H . -1.29 -0.11 -1.14
C04 U00 H . 1.09 2.27 -0.33
C06 U00 H . 1.45 2.94 -2.56
C11 U00 H . 5.44 2.36 0.31
C12 U00 H . 6.61 1.66 0.02
C03 U00 H . -0.23 1.81 -0.27
C07 U00 H . 1.67 2.90 0.77
C09 U00 H . 3.76 3.44 1.88
C10 U00 H . 5.10 2.67 1.63
C18 U00 H . 5.93 2.28 2.68
C19 U00 H . 0.92 3.08 1.93
C20 U00 H . -0.39 2.61 2.00
C21 U00 H . -1.16 2.83 3.31
C23 U00 H . -3.13 3.44 4.46
C24 U00 H . -2.70 4.92 4.54
C25 U00 H . -3.31 5.53 5.84
C27 U00 H . -1.90 5.30 7.48
C28 U00 H . -0.99 4.23 8.13
C29 U00 H . -1.59 3.55 9.39
C31 U00 H . -3.62 4.18 9.18
C32 U00 H . -3.97 4.64 7.71
C33 U00 H . -3.16 2.35 10.30
C34 U00 H . -2.61 0.89 10.14
C35 U00 H . -3.47 -0.11 10.99
C37 U00 H . -3.87 -2.10 9.73
C38 U00 H . -3.89 -2.56 8.23
C39 U00 H . -3.98 -3.91 7.92
C40 U00 H . -4.01 -4.32 6.58
C42 U00 H . -3.27 -6.59 6.92
C43 U00 H . -3.95 -3.35 5.56
C44 U00 H . -3.86 -2.00 5.89
C46 U00 H . -4.71 0.02 5.01
C47 U00 H . -3.83 -1.59 7.23
C49 U00 H . -2.77 -4.35 3.82
C52 U00 H . -0.98 1.99 0.90
N14 U00 H . 8.69 0.54 0.76
N26 U00 H . -2.94 4.78 6.89
N30 U00 H . -2.80 3.14 9.24
O02 U00 H . -0.80 1.18 -1.39
O05 U00 H . 1.84 2.09 -1.51
O08 U00 H . 3.02 3.36 0.67
O15 U00 H . 9.00 0.26 -0.53
O16 U00 H . 9.51 0.15 1.78
O22 U00 H . -2.58 2.83 3.31
O36 U00 H . -4.33 -0.82 10.09
O41 U00 H . -4.11 -5.70 6.21
O45 U00 H . -3.79 -1.02 4.86
O48 U00 H . -3.97 -3.76 4.21
O50 U00 H . -3.46 -2.86 10.55
O51 U00 H . -0.56 3.00 4.32
#